data_5CJZ
#
_entry.id   5CJZ
#
_cell.length_a   155.925
_cell.length_b   155.925
_cell.length_c   114.315
_cell.angle_alpha   90.000
_cell.angle_beta   90.000
_cell.angle_gamma   120.000
#
_symmetry.space_group_name_H-M   'P 6 2 2'
#
loop_
_entity.id
_entity.type
_entity.pdbx_description
1 polymer 'SusD homolog'
2 non-polymer 'POTASSIUM ION'
3 non-polymer 'CALCIUM ION'
4 non-polymer 'CESIUM ION'
5 non-polymer beta-D-galactopyranose
6 non-polymer 1,2-ETHANEDIOL
7 water water
#
_entity_poly.entity_id   1
_entity_poly.type   'polypeptide(L)'
_entity_poly.pdbx_seq_one_letter_code
;MGSSHHHHHHSSENLYFQGHMASAMSSPTRALGFLYSCYGGVSTDLPSAYLGEINSTTDEYVLPYSWNTDGYWGAYAFNT
ASSTNQDWLWGTTYQYIGQCYLFLQKLENAGSDIASDAEKEQWRAECQFLVAYYHFATLRRYGPIPITDSYIPMDTPTSE
YNGRFHFDYCVDWIANQLDEAAKVLPANRTATNEWGRATSTIAKAVKARLLLYAASPLWNGSFPYPNWQNENFETPGYGK
ALVSNTYDKSKWERALAACQEALTLATTSGDRELYDDDEYYSRQSLNLPFVPGVADVEDNKEFLKNVMKMRYAVSTRESE
GNKEIIWGLSNQFDFYSRYPLRILKKSDGTWHAGYSGVSPTLYTFEHFYTANGKLPEKDLDFTPSSEWFESAGISSREDI
IKLNVGREPRFYAWMAFDGGDYGTKFAAGSPLKLEMRNSEMHGYNPSLFNRDHSVTGFLTQKFVDPVTEFYTAGGSTSGT
SAPTILFRLAELYLNVAECHAALGNTQEAIDALNPVRERAGIPKLTLADITNNMTIKDWVHNERFVELWNEGHRFFDVRR
WAEGAKYFGANKREGLNAEVQSPTFEEFNKRTTVDAPYVWENRMYLNPVFYNEVYKNPQMVQAPGY
;
_entity_poly.pdbx_strand_id   A
#
loop_
_chem_comp.id
_chem_comp.type
_chem_comp.name
_chem_comp.formula
CA non-polymer 'CALCIUM ION' 'Ca 2'
CS non-polymer 'CESIUM ION' 'Cs 1'
EDO non-polymer 1,2-ETHANEDIOL 'C2 H6 O2'
GAL D-saccharide, beta linking beta-D-galactopyranose 'C6 H12 O6'
K non-polymer 'POTASSIUM ION' 'K 1'
#
# COMPACT_ATOMS: atom_id res chain seq x y z
N ALA A 24 8.51 -21.31 -30.14
CA ALA A 24 7.91 -20.01 -30.42
C ALA A 24 6.46 -20.02 -29.96
N MET A 25 5.57 -20.35 -30.87
CA MET A 25 4.22 -20.76 -30.51
C MET A 25 3.94 -22.07 -31.23
N SER A 26 4.89 -22.97 -31.12
CA SER A 26 4.87 -24.22 -31.87
C SER A 26 4.14 -25.35 -31.17
N SER A 27 3.64 -25.10 -29.97
CA SER A 27 2.91 -26.11 -29.21
C SER A 27 2.10 -25.46 -28.12
N PRO A 28 1.11 -26.17 -27.59
CA PRO A 28 0.31 -25.64 -26.48
C PRO A 28 1.18 -25.27 -25.26
N THR A 29 2.15 -26.09 -24.88
CA THR A 29 2.92 -25.75 -23.69
C THR A 29 3.82 -24.54 -23.96
N ARG A 30 4.41 -24.48 -25.16
CA ARG A 30 5.19 -23.30 -25.56
C ARG A 30 4.35 -22.03 -25.51
N ALA A 31 3.13 -22.11 -26.03
CA ALA A 31 2.24 -20.95 -26.02
C ALA A 31 1.93 -20.52 -24.60
N LEU A 32 1.57 -21.47 -23.75
CA LEU A 32 1.25 -21.17 -22.35
C LEU A 32 2.43 -20.51 -21.65
N GLY A 33 3.64 -20.95 -21.98
CA GLY A 33 4.85 -20.36 -21.41
C GLY A 33 4.99 -18.90 -21.80
N PHE A 34 4.68 -18.61 -23.07
CA PHE A 34 4.69 -17.26 -23.60
C PHE A 34 3.68 -16.40 -22.81
N LEU A 35 2.49 -16.93 -22.61
CA LEU A 35 1.46 -16.22 -21.85
C LEU A 35 1.93 -15.94 -20.41
N TYR A 36 2.50 -16.96 -19.79
CA TYR A 36 3.08 -16.82 -18.45
C TYR A 36 4.09 -15.66 -18.41
N SER A 37 4.96 -15.58 -19.41
CA SER A 37 5.96 -14.53 -19.43
C SER A 37 5.31 -13.14 -19.56
N CYS A 38 4.11 -13.08 -20.10
CA CYS A 38 3.43 -11.79 -20.22
C CYS A 38 3.02 -11.23 -18.86
N TYR A 39 2.86 -12.10 -17.86
CA TYR A 39 2.55 -11.67 -16.50
C TYR A 39 3.79 -11.18 -15.73
N GLY A 40 4.94 -11.18 -16.41
CA GLY A 40 6.20 -10.89 -15.74
C GLY A 40 6.42 -9.52 -15.13
N GLY A 41 5.59 -8.54 -15.48
CA GLY A 41 5.81 -7.18 -14.98
C GLY A 41 4.92 -6.77 -13.80
N VAL A 42 4.11 -7.71 -13.36
CA VAL A 42 3.04 -7.41 -12.44
C VAL A 42 3.55 -7.02 -11.04
N SER A 43 4.80 -7.36 -10.74
CA SER A 43 5.39 -7.02 -9.43
C SER A 43 6.00 -5.61 -9.36
N THR A 44 5.84 -4.84 -10.43
CA THR A 44 6.33 -3.47 -10.47
C THR A 44 5.72 -2.63 -9.34
N ASP A 45 6.54 -1.78 -8.71
CA ASP A 45 6.09 -0.99 -7.58
C ASP A 45 5.46 -1.90 -6.53
N LEU A 46 6.18 -2.94 -6.13
CA LEU A 46 5.64 -3.88 -5.19
C LEU A 46 5.33 -3.20 -3.86
N PRO A 47 4.12 -3.39 -3.35
CA PRO A 47 3.72 -2.84 -2.05
C PRO A 47 4.57 -3.40 -0.90
N SER A 48 4.90 -2.55 0.06
CA SER A 48 5.54 -2.96 1.33
C SER A 48 7.05 -3.25 1.22
N ALA A 49 7.57 -3.41 0.01
CA ALA A 49 9.01 -3.51 -0.20
C ALA A 49 9.69 -2.26 0.34
N TYR A 50 10.55 -2.42 1.35
CA TYR A 50 11.00 -1.26 2.12
C TYR A 50 11.93 -0.30 1.37
N LEU A 51 12.58 -0.75 0.31
CA LEU A 51 13.45 0.15 -0.44
C LEU A 51 12.69 0.86 -1.56
N GLY A 52 11.44 0.47 -1.77
CA GLY A 52 10.64 1.01 -2.85
C GLY A 52 10.10 2.39 -2.49
N GLU A 53 10.16 3.32 -3.44
CA GLU A 53 9.77 4.69 -3.16
C GLU A 53 8.26 4.83 -2.87
N ILE A 54 7.43 3.95 -3.40
CA ILE A 54 6.01 4.08 -3.07
C ILE A 54 5.72 3.69 -1.63
N ASN A 55 6.70 3.08 -0.96
CA ASN A 55 6.52 2.62 0.41
C ASN A 55 7.22 3.47 1.46
N SER A 56 8.44 3.89 1.17
CA SER A 56 9.29 4.48 2.21
C SER A 56 9.53 5.97 2.05
N THR A 57 8.55 6.68 1.49
CA THR A 57 8.64 8.13 1.32
C THR A 57 7.41 8.89 1.85
N THR A 58 6.52 8.20 2.54
CA THR A 58 5.27 8.81 2.97
C THR A 58 5.35 9.23 4.45
N ASP A 59 4.23 9.69 5.00
CA ASP A 59 4.19 10.08 6.42
C ASP A 59 3.78 8.91 7.33
N GLU A 60 3.64 7.72 6.74
CA GLU A 60 3.36 6.53 7.52
C GLU A 60 4.53 6.19 8.44
N TYR A 61 5.71 6.17 7.84
CA TYR A 61 6.94 5.78 8.52
C TYR A 61 8.12 6.36 7.78
N VAL A 62 9.26 6.41 8.44
CA VAL A 62 10.51 6.83 7.85
C VAL A 62 11.58 5.76 8.01
N LEU A 63 12.60 5.85 7.18
CA LEU A 63 13.79 5.02 7.28
C LEU A 63 14.96 5.88 7.74
N PRO A 64 15.98 5.27 8.34
CA PRO A 64 17.19 6.02 8.68
C PRO A 64 17.76 6.78 7.49
N TYR A 65 18.16 8.02 7.70
CA TYR A 65 18.68 8.83 6.62
C TYR A 65 19.89 8.16 5.97
N SER A 66 20.67 7.47 6.77
CA SER A 66 21.86 6.79 6.27
C SER A 66 21.54 5.63 5.32
N TRP A 67 20.29 5.20 5.29
CA TRP A 67 19.86 4.16 4.35
C TRP A 67 19.56 4.78 2.98
N ASN A 68 19.83 6.07 2.81
CA ASN A 68 19.47 6.70 1.55
C ASN A 68 20.39 6.23 0.42
N THR A 69 21.45 5.52 0.78
CA THR A 69 22.37 4.96 -0.21
C THR A 69 21.80 3.69 -0.83
N ASP A 70 20.73 3.15 -0.24
CA ASP A 70 20.13 1.92 -0.72
C ASP A 70 18.81 2.20 -1.46
N GLY A 71 18.76 1.82 -2.73
CA GLY A 71 17.53 1.93 -3.49
C GLY A 71 17.19 3.34 -3.94
N TYR A 72 15.92 3.54 -4.30
CA TYR A 72 15.47 4.82 -4.84
C TYR A 72 14.69 5.70 -3.85
N TRP A 73 14.31 5.14 -2.71
CA TRP A 73 13.43 5.85 -1.78
C TRP A 73 13.99 7.22 -1.40
N GLY A 74 15.29 7.30 -1.22
CA GLY A 74 15.90 8.55 -0.78
C GLY A 74 15.71 9.65 -1.79
N ALA A 75 16.04 9.36 -3.04
CA ALA A 75 15.93 10.34 -4.12
C ALA A 75 14.50 10.91 -4.19
N TYR A 76 13.50 10.06 -3.99
CA TYR A 76 12.13 10.52 -4.08
C TYR A 76 11.71 11.30 -2.83
N ALA A 77 12.17 10.86 -1.67
CA ALA A 77 11.79 11.51 -0.41
C ALA A 77 12.40 12.91 -0.27
N PHE A 78 13.60 13.08 -0.78
CA PHE A 78 14.37 14.30 -0.56
C PHE A 78 14.46 15.17 -1.81
N ASN A 79 13.62 14.85 -2.79
CA ASN A 79 13.49 15.63 -4.03
C ASN A 79 14.79 15.75 -4.83
N THR A 80 15.59 14.69 -4.83
CA THR A 80 16.77 14.69 -5.66
C THR A 80 16.63 13.73 -6.85
N ALA A 81 15.46 13.14 -7.02
CA ALA A 81 15.18 12.40 -8.24
C ALA A 81 15.27 13.33 -9.44
N SER A 82 15.61 12.79 -10.60
CA SER A 82 15.77 13.58 -11.81
C SER A 82 15.58 12.70 -13.03
N SER A 83 15.68 13.30 -14.21
CA SER A 83 15.56 12.51 -15.42
C SER A 83 16.72 11.52 -15.57
N THR A 84 17.79 11.70 -14.79
CA THR A 84 18.90 10.76 -14.81
C THR A 84 19.12 10.06 -13.47
N ASN A 85 18.16 10.21 -12.57
CA ASN A 85 18.20 9.60 -11.25
C ASN A 85 16.78 9.24 -10.87
N GLN A 86 16.29 8.13 -11.41
CA GLN A 86 14.90 7.77 -11.25
C GLN A 86 14.67 6.28 -11.44
N ASP A 87 13.52 5.83 -10.95
CA ASP A 87 13.08 4.45 -11.04
C ASP A 87 12.26 4.27 -12.34
N TRP A 88 12.90 3.72 -13.37
CA TRP A 88 12.31 3.66 -14.72
C TRP A 88 11.33 2.50 -14.87
N LEU A 89 10.26 2.52 -14.10
CA LEU A 89 9.28 1.43 -14.20
C LEU A 89 8.56 1.46 -15.54
N TRP A 90 8.50 2.64 -16.15
CA TRP A 90 8.01 2.80 -17.52
C TRP A 90 8.69 1.81 -18.47
N GLY A 91 9.99 1.63 -18.27
CA GLY A 91 10.76 0.71 -19.07
C GLY A 91 10.17 -0.69 -18.99
N THR A 92 9.81 -1.08 -17.78
CA THR A 92 9.30 -2.42 -17.53
C THR A 92 7.87 -2.58 -18.05
N THR A 93 7.00 -1.63 -17.73
CA THR A 93 5.60 -1.76 -18.10
C THR A 93 5.45 -1.85 -19.62
N TYR A 94 6.13 -0.99 -20.35
CA TYR A 94 5.96 -1.00 -21.81
C TYR A 94 6.68 -2.19 -22.43
N GLN A 95 7.70 -2.69 -21.74
CA GLN A 95 8.34 -3.94 -22.14
C GLN A 95 7.33 -5.09 -22.16
N TYR A 96 6.59 -5.27 -21.08
CA TYR A 96 5.62 -6.35 -21.03
C TYR A 96 4.37 -6.07 -21.87
N ILE A 97 4.04 -4.79 -22.03
CA ILE A 97 2.96 -4.44 -22.93
C ILE A 97 3.31 -4.94 -24.33
N GLY A 98 4.53 -4.67 -24.78
CA GLY A 98 4.99 -5.16 -26.07
C GLY A 98 4.95 -6.68 -26.16
N GLN A 99 5.30 -7.33 -25.06
CA GLN A 99 5.29 -8.79 -24.98
C GLN A 99 3.88 -9.32 -25.19
N CYS A 100 2.91 -8.64 -24.59
CA CYS A 100 1.52 -8.99 -24.74
C CYS A 100 1.09 -8.92 -26.21
N TYR A 101 1.38 -7.81 -26.87
CA TYR A 101 0.92 -7.67 -28.24
C TYR A 101 1.68 -8.61 -29.18
N LEU A 102 2.94 -8.90 -28.85
CA LEU A 102 3.72 -9.85 -29.63
C LEU A 102 3.07 -11.23 -29.56
N PHE A 103 2.68 -11.61 -28.35
CA PHE A 103 1.95 -12.85 -28.11
C PHE A 103 0.66 -12.87 -28.93
N LEU A 104 -0.09 -11.78 -28.86
CA LEU A 104 -1.40 -11.71 -29.50
C LEU A 104 -1.24 -11.84 -31.02
N GLN A 105 -0.19 -11.25 -31.54
CA GLN A 105 0.12 -11.29 -32.96
C GLN A 105 0.37 -12.73 -33.41
N LYS A 106 1.27 -13.42 -32.71
CA LYS A 106 1.56 -14.81 -33.02
C LYS A 106 0.33 -15.70 -32.86
N LEU A 107 -0.46 -15.45 -31.82
CA LEU A 107 -1.66 -16.26 -31.57
C LEU A 107 -2.66 -16.20 -32.73
N GLU A 108 -2.75 -15.06 -33.39
CA GLU A 108 -3.67 -14.92 -34.52
C GLU A 108 -3.31 -15.89 -35.63
N ASN A 109 -2.04 -16.23 -35.76
CA ASN A 109 -1.58 -17.16 -36.78
C ASN A 109 -1.50 -18.61 -36.30
N ALA A 110 -1.79 -18.84 -35.02
CA ALA A 110 -1.70 -20.17 -34.44
C ALA A 110 -2.93 -21.01 -34.78
N GLY A 111 -2.71 -22.28 -35.09
CA GLY A 111 -3.79 -23.16 -35.48
C GLY A 111 -4.49 -23.84 -34.31
N SER A 112 -5.48 -24.65 -34.65
CA SER A 112 -6.26 -25.41 -33.68
C SER A 112 -5.42 -26.37 -32.82
N ASP A 113 -4.25 -26.73 -33.31
CA ASP A 113 -3.31 -27.57 -32.56
C ASP A 113 -2.78 -26.86 -31.31
N ILE A 114 -2.71 -25.54 -31.38
CA ILE A 114 -2.13 -24.76 -30.29
C ILE A 114 -3.12 -24.47 -29.18
N ALA A 115 -4.32 -24.05 -29.56
CA ALA A 115 -5.37 -23.76 -28.58
C ALA A 115 -6.73 -23.72 -29.24
N SER A 116 -7.75 -24.14 -28.50
CA SER A 116 -9.12 -24.06 -28.98
C SER A 116 -9.53 -22.60 -29.14
N ASP A 117 -10.65 -22.37 -29.82
CA ASP A 117 -11.15 -21.01 -29.96
C ASP A 117 -11.52 -20.45 -28.59
N ALA A 118 -12.18 -21.25 -27.77
CA ALA A 118 -12.53 -20.84 -26.41
C ALA A 118 -11.29 -20.46 -25.61
N GLU A 119 -10.23 -21.25 -25.71
CA GLU A 119 -9.04 -20.93 -24.96
C GLU A 119 -8.34 -19.69 -25.51
N LYS A 120 -8.28 -19.56 -26.83
CA LYS A 120 -7.74 -18.35 -27.43
C LYS A 120 -8.46 -17.12 -26.88
N GLU A 121 -9.77 -17.22 -26.75
CA GLU A 121 -10.56 -16.12 -26.23
C GLU A 121 -10.11 -15.76 -24.83
N GLN A 122 -9.95 -16.78 -23.98
CA GLN A 122 -9.47 -16.56 -22.61
C GLN A 122 -8.11 -15.87 -22.61
N TRP A 123 -7.16 -16.40 -23.38
CA TRP A 123 -5.82 -15.84 -23.45
C TRP A 123 -5.82 -14.38 -23.90
N ARG A 124 -6.63 -14.07 -24.89
CA ARG A 124 -6.74 -12.70 -25.38
C ARG A 124 -7.24 -11.77 -24.27
N ALA A 125 -8.22 -12.23 -23.51
CA ALA A 125 -8.74 -11.47 -22.38
C ALA A 125 -7.65 -11.22 -21.32
N GLU A 126 -6.86 -12.24 -21.03
CA GLU A 126 -5.81 -12.12 -20.03
C GLU A 126 -4.79 -11.07 -20.46
N CYS A 127 -4.38 -11.12 -21.73
CA CYS A 127 -3.50 -10.11 -22.28
C CYS A 127 -4.14 -8.71 -22.24
N GLN A 128 -5.42 -8.65 -22.57
CA GLN A 128 -6.13 -7.39 -22.55
C GLN A 128 -6.08 -6.75 -21.17
N PHE A 129 -6.39 -7.56 -20.17
CA PHE A 129 -6.28 -7.11 -18.79
C PHE A 129 -4.87 -6.66 -18.44
N LEU A 130 -3.88 -7.45 -18.82
CA LEU A 130 -2.50 -7.13 -18.49
C LEU A 130 -2.07 -5.80 -19.11
N VAL A 131 -2.37 -5.62 -20.38
CA VAL A 131 -2.03 -4.38 -21.05
C VAL A 131 -2.65 -3.17 -20.35
N ALA A 132 -3.91 -3.29 -20.00
CA ALA A 132 -4.61 -2.22 -19.30
C ALA A 132 -3.95 -1.96 -17.95
N TYR A 133 -3.71 -3.04 -17.21
CA TYR A 133 -3.09 -2.89 -15.89
C TYR A 133 -1.71 -2.25 -15.99
N TYR A 134 -0.93 -2.71 -16.95
CA TYR A 134 0.41 -2.16 -17.15
C TYR A 134 0.33 -0.65 -17.47
N HIS A 135 -0.67 -0.25 -18.26
CA HIS A 135 -0.88 1.17 -18.52
C HIS A 135 -1.23 1.90 -17.22
N PHE A 136 -2.13 1.31 -16.44
CA PHE A 136 -2.53 1.92 -15.16
C PHE A 136 -1.32 2.11 -14.24
N ALA A 137 -0.52 1.06 -14.11
CA ALA A 137 0.67 1.12 -13.27
C ALA A 137 1.61 2.25 -13.69
N THR A 138 1.57 2.59 -14.98
CA THR A 138 2.39 3.66 -15.52
C THR A 138 1.71 5.01 -15.26
N LEU A 139 0.44 5.08 -15.62
CA LEU A 139 -0.37 6.28 -15.43
C LEU A 139 -0.30 6.80 -14.00
N ARG A 140 -0.46 5.92 -13.02
CA ARG A 140 -0.57 6.37 -11.65
C ARG A 140 0.75 6.97 -11.12
N ARG A 141 1.85 6.69 -11.79
CA ARG A 141 3.15 7.26 -11.39
C ARG A 141 3.57 8.43 -12.26
N TYR A 142 3.21 8.40 -13.54
CA TYR A 142 3.73 9.37 -14.50
C TYR A 142 2.72 10.44 -14.96
N GLY A 143 1.44 10.20 -14.74
CA GLY A 143 0.41 11.09 -15.25
C GLY A 143 0.03 10.67 -16.67
N PRO A 144 -0.37 11.64 -17.51
CA PRO A 144 -0.66 11.36 -18.91
C PRO A 144 0.44 10.50 -19.57
N ILE A 145 0.05 9.43 -20.25
CA ILE A 145 1.00 8.54 -20.89
C ILE A 145 0.63 8.24 -22.35
N PRO A 146 1.59 7.77 -23.14
CA PRO A 146 1.23 7.30 -24.48
C PRO A 146 0.43 6.01 -24.38
N ILE A 147 -0.68 5.94 -25.09
CA ILE A 147 -1.44 4.69 -25.16
C ILE A 147 -0.80 3.80 -26.20
N THR A 148 -0.42 2.60 -25.81
CA THR A 148 0.24 1.69 -26.73
C THR A 148 -0.63 0.47 -26.87
N ASP A 149 -1.38 0.41 -27.97
CA ASP A 149 -2.36 -0.66 -28.16
C ASP A 149 -2.01 -1.55 -29.35
N SER A 150 -0.71 -1.64 -29.65
CA SER A 150 -0.21 -2.57 -30.63
C SER A 150 1.29 -2.79 -30.43
N TYR A 151 1.84 -3.74 -31.15
CA TYR A 151 3.27 -3.95 -31.14
C TYR A 151 3.94 -2.97 -32.09
N ILE A 152 5.00 -2.34 -31.61
CA ILE A 152 5.73 -1.35 -32.38
C ILE A 152 7.06 -1.89 -32.88
N PRO A 153 7.14 -2.17 -34.19
CA PRO A 153 8.36 -2.68 -34.83
C PRO A 153 9.53 -1.72 -34.62
N MET A 154 10.69 -2.27 -34.32
CA MET A 154 11.85 -1.46 -33.94
C MET A 154 12.32 -0.53 -35.06
N ASP A 155 11.79 -0.71 -36.26
CA ASP A 155 12.19 0.13 -37.37
C ASP A 155 11.17 1.24 -37.63
N THR A 156 10.22 1.40 -36.71
CA THR A 156 9.22 2.45 -36.82
C THR A 156 9.89 3.82 -36.84
N PRO A 157 9.51 4.66 -37.81
CA PRO A 157 10.10 6.00 -37.90
C PRO A 157 9.76 6.82 -36.66
N THR A 158 10.72 7.62 -36.22
CA THR A 158 10.58 8.38 -34.99
C THR A 158 9.35 9.31 -35.04
N SER A 159 9.02 9.80 -36.22
CA SER A 159 7.91 10.72 -36.39
C SER A 159 6.56 10.09 -36.06
N GLU A 160 6.51 8.77 -35.95
CA GLU A 160 5.26 8.10 -35.68
C GLU A 160 5.09 7.66 -34.22
N TYR A 161 6.07 7.95 -33.38
CA TYR A 161 5.94 7.65 -31.95
C TYR A 161 4.80 8.45 -31.33
N ASN A 162 3.96 7.80 -30.54
CA ASN A 162 2.95 8.52 -29.79
C ASN A 162 3.56 9.36 -28.68
N GLY A 163 3.01 10.54 -28.45
CA GLY A 163 3.35 11.30 -27.26
C GLY A 163 2.40 10.91 -26.15
N ARG A 164 2.43 11.64 -25.04
CA ARG A 164 1.41 11.48 -24.02
C ARG A 164 0.03 11.83 -24.55
N PHE A 165 -0.96 11.01 -24.22
CA PHE A 165 -2.37 11.35 -24.40
C PHE A 165 -2.89 12.04 -23.14
N HIS A 166 -3.85 12.94 -23.32
CA HIS A 166 -4.53 13.60 -22.20
C HIS A 166 -4.96 12.56 -21.16
N PHE A 167 -4.74 12.88 -19.89
CA PHE A 167 -5.07 11.98 -18.80
C PHE A 167 -6.46 11.35 -18.93
N ASP A 168 -7.44 12.18 -19.31
CA ASP A 168 -8.81 11.71 -19.34
C ASP A 168 -9.03 10.77 -20.53
N TYR A 169 -8.25 10.94 -21.58
CA TYR A 169 -8.29 10.03 -22.72
C TYR A 169 -7.74 8.68 -22.27
N CYS A 170 -6.60 8.72 -21.59
CA CYS A 170 -5.96 7.51 -21.04
C CYS A 170 -6.92 6.73 -20.14
N VAL A 171 -7.55 7.43 -19.20
CA VAL A 171 -8.50 6.81 -18.31
C VAL A 171 -9.60 6.07 -19.08
N ASP A 172 -10.22 6.76 -20.02
CA ASP A 172 -11.31 6.17 -20.79
C ASP A 172 -10.84 4.90 -21.49
N TRP A 173 -9.67 4.94 -22.10
CA TRP A 173 -9.20 3.76 -22.83
C TRP A 173 -8.94 2.58 -21.88
N ILE A 174 -8.16 2.82 -20.83
CA ILE A 174 -7.86 1.77 -19.86
C ILE A 174 -9.16 1.15 -19.32
N ALA A 175 -10.09 2.00 -18.92
CA ALA A 175 -11.37 1.54 -18.40
C ALA A 175 -12.10 0.65 -19.40
N ASN A 176 -12.14 1.08 -20.66
CA ASN A 176 -12.80 0.31 -21.69
C ASN A 176 -12.13 -1.05 -21.92
N GLN A 177 -10.81 -1.05 -21.90
CA GLN A 177 -10.04 -2.30 -22.02
C GLN A 177 -10.35 -3.26 -20.87
N LEU A 178 -10.41 -2.74 -19.65
CA LEU A 178 -10.71 -3.58 -18.50
C LEU A 178 -12.13 -4.14 -18.57
N ASP A 179 -13.07 -3.33 -19.07
CA ASP A 179 -14.46 -3.77 -19.19
C ASP A 179 -14.60 -4.89 -20.21
N GLU A 180 -13.87 -4.81 -21.31
CA GLU A 180 -13.89 -5.83 -22.34
C GLU A 180 -13.34 -7.15 -21.80
N ALA A 181 -12.17 -7.10 -21.19
CA ALA A 181 -11.58 -8.29 -20.57
C ALA A 181 -12.55 -8.94 -19.58
N ALA A 182 -13.23 -8.11 -18.82
CA ALA A 182 -14.13 -8.60 -17.77
C ALA A 182 -15.31 -9.40 -18.32
N LYS A 183 -15.70 -9.13 -19.56
CA LYS A 183 -16.80 -9.87 -20.18
C LYS A 183 -16.48 -11.36 -20.34
N VAL A 184 -15.19 -11.66 -20.47
CA VAL A 184 -14.73 -12.99 -20.86
C VAL A 184 -14.10 -13.78 -19.70
N LEU A 185 -13.39 -13.08 -18.84
CA LEU A 185 -12.63 -13.74 -17.77
C LEU A 185 -13.53 -14.33 -16.69
N PRO A 186 -13.10 -15.44 -16.06
CA PRO A 186 -13.86 -15.99 -14.93
C PRO A 186 -13.82 -15.06 -13.73
N ALA A 187 -14.85 -15.10 -12.89
CA ALA A 187 -14.90 -14.22 -11.71
C ALA A 187 -13.98 -14.68 -10.57
N ASN A 188 -13.75 -15.98 -10.50
CA ASN A 188 -12.85 -16.52 -9.49
C ASN A 188 -12.07 -17.70 -9.99
N ARG A 189 -10.89 -17.91 -9.40
CA ARG A 189 -10.05 -19.05 -9.71
C ARG A 189 -9.57 -19.72 -8.43
N THR A 190 -9.47 -21.04 -8.45
CA THR A 190 -8.87 -21.73 -7.33
C THR A 190 -7.36 -21.47 -7.33
N ALA A 191 -6.80 -21.23 -6.15
CA ALA A 191 -5.36 -21.01 -6.04
C ALA A 191 -4.65 -22.35 -5.93
N THR A 192 -3.89 -22.72 -6.95
CA THR A 192 -3.22 -24.01 -6.97
C THR A 192 -1.71 -23.88 -7.04
N ASN A 193 -1.23 -22.71 -7.43
CA ASN A 193 0.21 -22.48 -7.57
C ASN A 193 0.52 -21.00 -7.42
N GLU A 194 1.67 -20.56 -7.91
CA GLU A 194 2.10 -19.18 -7.67
C GLU A 194 1.78 -18.24 -8.84
N TRP A 195 0.93 -18.70 -9.75
CA TRP A 195 0.56 -17.90 -10.91
C TRP A 195 -0.92 -17.54 -10.84
N GLY A 196 -1.23 -16.34 -10.35
CA GLY A 196 -2.60 -15.92 -10.20
C GLY A 196 -3.08 -15.27 -11.47
N ARG A 197 -3.86 -16.00 -12.26
CA ARG A 197 -4.26 -15.50 -13.58
C ARG A 197 -5.49 -14.59 -13.49
N ALA A 198 -5.68 -13.75 -14.50
CA ALA A 198 -6.64 -12.65 -14.42
C ALA A 198 -8.07 -13.13 -14.23
N THR A 199 -8.85 -12.33 -13.51
CA THR A 199 -10.27 -12.57 -13.33
C THR A 199 -11.06 -11.30 -13.64
N SER A 200 -12.36 -11.47 -13.89
CA SER A 200 -13.24 -10.32 -14.07
C SER A 200 -13.23 -9.46 -12.79
N THR A 201 -13.17 -10.13 -11.66
CA THR A 201 -13.15 -9.45 -10.38
C THR A 201 -11.95 -8.49 -10.29
N ILE A 202 -10.76 -8.97 -10.63
CA ILE A 202 -9.58 -8.12 -10.62
C ILE A 202 -9.73 -6.99 -11.65
N ALA A 203 -10.28 -7.32 -12.82
CA ALA A 203 -10.44 -6.32 -13.86
C ALA A 203 -11.34 -5.19 -13.37
N LYS A 204 -12.44 -5.52 -12.72
CA LYS A 204 -13.35 -4.50 -12.24
C LYS A 204 -12.74 -3.74 -11.06
N ALA A 205 -11.94 -4.43 -10.23
CA ALA A 205 -11.31 -3.76 -9.10
C ALA A 205 -10.29 -2.72 -9.58
N VAL A 206 -9.52 -3.07 -10.59
CA VAL A 206 -8.56 -2.14 -11.16
C VAL A 206 -9.28 -0.93 -11.74
N LYS A 207 -10.37 -1.18 -12.47
CA LYS A 207 -11.14 -0.07 -13.05
C LYS A 207 -11.68 0.83 -11.94
N ALA A 208 -12.13 0.23 -10.85
CA ALA A 208 -12.64 1.00 -9.71
C ALA A 208 -11.57 1.95 -9.18
N ARG A 209 -10.38 1.44 -8.94
CA ARG A 209 -9.33 2.28 -8.39
C ARG A 209 -8.94 3.34 -9.42
N LEU A 210 -8.90 2.95 -10.69
CA LEU A 210 -8.60 3.86 -11.78
C LEU A 210 -9.55 5.07 -11.78
N LEU A 211 -10.85 4.80 -11.76
CA LEU A 211 -11.81 5.90 -11.87
C LEU A 211 -11.79 6.73 -10.58
N LEU A 212 -11.55 6.08 -9.44
CA LEU A 212 -11.45 6.77 -8.17
C LEU A 212 -10.31 7.79 -8.25
N TYR A 213 -9.15 7.34 -8.72
CA TYR A 213 -8.00 8.22 -8.91
C TYR A 213 -8.38 9.38 -9.85
N ALA A 214 -9.02 9.04 -10.96
CA ALA A 214 -9.36 10.01 -11.99
C ALA A 214 -10.29 11.12 -11.48
N ALA A 215 -11.16 10.79 -10.53
CA ALA A 215 -12.09 11.77 -9.98
C ALA A 215 -11.45 12.65 -8.90
N SER A 216 -10.26 12.24 -8.45
CA SER A 216 -9.57 12.90 -7.34
C SER A 216 -9.07 14.30 -7.72
N PRO A 217 -8.90 15.17 -6.70
CA PRO A 217 -8.49 16.56 -6.92
C PRO A 217 -7.32 16.72 -7.90
N LEU A 218 -6.25 15.94 -7.76
CA LEU A 218 -5.10 16.12 -8.65
C LEU A 218 -5.52 16.07 -10.12
N TRP A 219 -6.45 15.18 -10.45
CA TRP A 219 -6.81 14.94 -11.84
C TRP A 219 -8.17 15.54 -12.19
N ASN A 220 -8.74 16.26 -11.24
CA ASN A 220 -10.10 16.76 -11.38
C ASN A 220 -10.24 18.16 -10.81
N GLY A 221 -9.27 19.01 -11.11
CA GLY A 221 -9.41 20.43 -10.81
C GLY A 221 -8.26 21.12 -10.10
N SER A 222 -7.32 20.32 -9.58
CA SER A 222 -6.26 20.87 -8.76
C SER A 222 -4.85 20.52 -9.23
N PHE A 223 -4.70 20.18 -10.51
CA PHE A 223 -3.35 19.90 -11.00
C PHE A 223 -2.52 21.17 -10.90
N PRO A 224 -1.30 21.06 -10.36
CA PRO A 224 -0.49 22.25 -10.05
C PRO A 224 0.09 22.99 -11.26
N TYR A 225 0.10 22.37 -12.43
CA TYR A 225 0.68 22.99 -13.61
C TYR A 225 -0.33 23.04 -14.75
N PRO A 226 -1.32 23.93 -14.64
CA PRO A 226 -2.41 24.05 -15.62
C PRO A 226 -1.93 24.28 -17.05
N ASN A 227 -0.77 24.90 -17.23
CA ASN A 227 -0.30 25.23 -18.57
C ASN A 227 0.62 24.17 -19.19
N TRP A 228 0.81 23.07 -18.48
CA TRP A 228 1.62 21.96 -18.99
C TRP A 228 0.89 21.30 -20.14
N GLN A 229 1.54 21.21 -21.30
CA GLN A 229 0.87 20.59 -22.43
C GLN A 229 1.82 20.02 -23.47
N ASN A 230 1.25 19.30 -24.43
CA ASN A 230 2.01 18.78 -25.54
C ASN A 230 2.52 19.89 -26.44
N GLU A 231 3.63 19.63 -27.12
CA GLU A 231 4.22 20.58 -28.05
C GLU A 231 3.83 20.24 -29.48
N ASN A 232 3.96 18.97 -29.84
CA ASN A 232 3.70 18.56 -31.22
C ASN A 232 2.98 17.23 -31.28
N PHE A 233 2.02 17.06 -30.39
CA PHE A 233 1.20 15.86 -30.40
C PHE A 233 -0.21 16.19 -29.90
N GLU A 234 -1.20 15.64 -30.57
CA GLU A 234 -2.59 15.93 -30.29
C GLU A 234 -3.39 14.73 -29.77
N THR A 235 -4.23 14.97 -28.78
CA THR A 235 -5.16 13.98 -28.28
C THR A 235 -6.56 14.25 -28.80
N PRO A 236 -7.15 13.29 -29.51
CA PRO A 236 -8.53 13.50 -29.98
C PRO A 236 -9.42 13.97 -28.84
N GLY A 237 -10.01 15.16 -28.98
CA GLY A 237 -10.92 15.67 -27.98
C GLY A 237 -10.31 16.72 -27.07
N TYR A 238 -9.00 16.88 -27.13
CA TYR A 238 -8.29 17.72 -26.16
C TYR A 238 -7.20 18.58 -26.77
N GLY A 239 -6.87 18.36 -28.04
CA GLY A 239 -5.81 19.10 -28.67
C GLY A 239 -4.48 18.83 -28.00
N LYS A 240 -3.75 19.89 -27.65
CA LYS A 240 -2.45 19.72 -27.02
C LYS A 240 -2.53 19.62 -25.49
N ALA A 241 -3.74 19.71 -24.94
CA ALA A 241 -3.92 19.69 -23.49
C ALA A 241 -3.58 18.32 -22.92
N LEU A 242 -3.15 18.28 -21.66
CA LEU A 242 -2.71 17.05 -21.01
C LEU A 242 -3.50 16.67 -19.74
N VAL A 243 -4.02 17.69 -19.05
CA VAL A 243 -4.75 17.47 -17.81
C VAL A 243 -5.91 18.46 -17.68
N SER A 244 -7.05 17.99 -17.18
CA SER A 244 -8.17 18.88 -16.89
C SER A 244 -7.79 19.92 -15.83
N ASN A 245 -8.35 21.12 -15.94
CA ASN A 245 -8.14 22.14 -14.90
C ASN A 245 -9.47 22.57 -14.30
N THR A 246 -10.50 21.76 -14.53
CA THR A 246 -11.84 22.11 -14.09
C THR A 246 -12.56 20.93 -13.43
N TYR A 247 -13.12 21.15 -12.25
CA TYR A 247 -13.83 20.11 -11.54
C TYR A 247 -15.05 19.60 -12.31
N ASP A 248 -15.16 18.28 -12.40
CA ASP A 248 -16.21 17.61 -13.14
C ASP A 248 -16.88 16.59 -12.24
N LYS A 249 -18.09 16.88 -11.80
CA LYS A 249 -18.77 16.00 -10.86
C LYS A 249 -19.08 14.63 -11.47
N SER A 250 -19.25 14.59 -12.79
CA SER A 250 -19.60 13.35 -13.45
C SER A 250 -18.52 12.29 -13.25
N LYS A 251 -17.28 12.71 -13.01
CA LYS A 251 -16.19 11.76 -12.72
C LYS A 251 -16.47 10.97 -11.44
N TRP A 252 -17.05 11.64 -10.44
CA TRP A 252 -17.41 10.98 -9.19
C TRP A 252 -18.60 10.06 -9.40
N GLU A 253 -19.53 10.48 -10.25
CA GLU A 253 -20.67 9.64 -10.56
C GLU A 253 -20.22 8.32 -11.21
N ARG A 254 -19.31 8.40 -12.17
CA ARG A 254 -18.87 7.19 -12.86
C ARG A 254 -18.01 6.35 -11.92
N ALA A 255 -17.22 7.00 -11.08
CA ALA A 255 -16.38 6.26 -10.13
C ALA A 255 -17.26 5.46 -9.18
N LEU A 256 -18.30 6.10 -8.66
CA LEU A 256 -19.21 5.41 -7.76
C LEU A 256 -19.78 4.15 -8.41
N ALA A 257 -20.33 4.31 -9.61
CA ALA A 257 -20.92 3.17 -10.31
C ALA A 257 -19.88 2.06 -10.50
N ALA A 258 -18.65 2.43 -10.81
CA ALA A 258 -17.59 1.47 -11.02
C ALA A 258 -17.20 0.76 -9.72
N CYS A 259 -17.13 1.53 -8.63
CA CYS A 259 -16.76 0.97 -7.34
C CYS A 259 -17.86 0.06 -6.80
N GLN A 260 -19.10 0.48 -6.97
CA GLN A 260 -20.26 -0.36 -6.64
C GLN A 260 -20.22 -1.68 -7.42
N GLU A 261 -19.98 -1.60 -8.73
CA GLU A 261 -20.00 -2.83 -9.53
C GLU A 261 -18.88 -3.76 -9.09
N ALA A 262 -17.70 -3.22 -8.83
CA ALA A 262 -16.57 -4.03 -8.37
C ALA A 262 -16.88 -4.74 -7.07
N LEU A 263 -17.49 -4.03 -6.14
CA LEU A 263 -17.83 -4.60 -4.84
C LEU A 263 -18.87 -5.70 -4.98
N THR A 264 -19.92 -5.44 -5.75
CA THR A 264 -20.97 -6.41 -5.96
C THR A 264 -20.43 -7.68 -6.63
N LEU A 265 -19.61 -7.52 -7.65
CA LEU A 265 -19.00 -8.67 -8.32
C LEU A 265 -18.13 -9.47 -7.35
N ALA A 266 -17.24 -8.78 -6.65
CA ALA A 266 -16.32 -9.44 -5.73
C ALA A 266 -17.06 -10.28 -4.70
N THR A 267 -18.17 -9.77 -4.20
CA THR A 267 -18.85 -10.40 -3.07
C THR A 267 -19.92 -11.40 -3.51
N THR A 268 -20.10 -11.53 -4.81
CA THR A 268 -21.02 -12.54 -5.32
C THR A 268 -20.21 -13.62 -6.03
N SER A 269 -20.10 -13.55 -7.35
CA SER A 269 -19.43 -14.63 -8.08
C SER A 269 -17.91 -14.59 -7.86
N GLY A 270 -17.41 -13.48 -7.34
CA GLY A 270 -16.02 -13.37 -6.96
C GLY A 270 -15.67 -14.19 -5.72
N ASP A 271 -16.69 -14.52 -4.93
CA ASP A 271 -16.50 -15.37 -3.76
C ASP A 271 -15.54 -14.73 -2.75
N ARG A 272 -15.55 -13.41 -2.67
CA ARG A 272 -14.72 -12.69 -1.71
C ARG A 272 -15.51 -12.31 -0.45
N GLU A 273 -14.87 -12.33 0.70
CA GLU A 273 -15.43 -11.74 1.90
C GLU A 273 -14.34 -11.33 2.86
N LEU A 274 -14.64 -10.35 3.71
CA LEU A 274 -13.66 -9.85 4.67
C LEU A 274 -13.22 -10.96 5.61
N TYR A 275 -11.92 -11.07 5.84
CA TYR A 275 -11.41 -12.03 6.80
C TYR A 275 -11.99 -11.77 8.18
N ASP A 276 -12.66 -12.77 8.76
CA ASP A 276 -13.37 -12.56 10.01
C ASP A 276 -13.21 -13.72 11.00
N ASP A 277 -12.16 -14.52 10.80
CA ASP A 277 -11.86 -15.65 11.67
C ASP A 277 -11.25 -15.18 12.98
N ASP A 278 -11.86 -15.56 14.11
CA ASP A 278 -11.41 -15.14 15.42
C ASP A 278 -10.59 -16.19 16.15
N GLU A 279 -10.30 -17.32 15.50
CA GLU A 279 -9.74 -18.46 16.22
C GLU A 279 -8.52 -19.13 15.60
N TYR A 280 -7.94 -18.56 14.54
CA TYR A 280 -6.75 -19.18 13.95
C TYR A 280 -5.61 -19.23 14.98
N TYR A 281 -5.51 -18.21 15.84
CA TYR A 281 -4.44 -18.19 16.85
C TYR A 281 -4.58 -19.41 17.76
N SER A 282 -5.82 -19.76 18.06
CA SER A 282 -6.13 -20.89 18.91
C SER A 282 -5.71 -22.20 18.26
N ARG A 283 -6.09 -22.36 16.99
CA ARG A 283 -5.76 -23.59 16.27
C ARG A 283 -4.25 -23.70 16.09
N GLN A 284 -3.53 -22.59 16.21
CA GLN A 284 -2.08 -22.61 16.12
C GLN A 284 -1.42 -22.64 17.50
N SER A 285 -2.24 -22.86 18.53
CA SER A 285 -1.75 -23.04 19.90
C SER A 285 -1.00 -21.82 20.41
N LEU A 286 -1.52 -20.64 20.14
CA LEU A 286 -0.92 -19.40 20.61
C LEU A 286 -1.71 -18.72 21.72
N ASN A 287 -1.01 -17.97 22.56
CA ASN A 287 -1.65 -17.13 23.57
C ASN A 287 -2.19 -15.85 22.94
N LEU A 288 -3.26 -15.31 23.51
CA LEU A 288 -3.70 -13.97 23.11
C LEU A 288 -2.62 -12.96 23.49
N PRO A 289 -2.53 -11.85 22.76
CA PRO A 289 -1.42 -10.91 22.96
C PRO A 289 -1.59 -10.05 24.20
N PHE A 290 -0.46 -9.60 24.75
CA PHE A 290 -0.50 -8.57 25.76
C PHE A 290 -0.93 -7.25 25.14
N VAL A 291 -1.93 -6.63 25.75
CA VAL A 291 -2.34 -5.28 25.38
C VAL A 291 -2.46 -4.43 26.65
N PRO A 292 -1.73 -3.30 26.73
CA PRO A 292 -1.81 -2.50 27.95
C PRO A 292 -3.24 -2.08 28.25
N GLY A 293 -3.69 -2.32 29.47
CA GLY A 293 -5.02 -1.93 29.90
C GLY A 293 -6.11 -2.89 29.46
N VAL A 294 -5.72 -3.92 28.72
CA VAL A 294 -6.70 -4.91 28.28
C VAL A 294 -6.20 -6.31 28.63
N ALA A 295 -6.48 -6.74 29.85
CA ALA A 295 -5.96 -8.03 30.33
C ALA A 295 -6.69 -9.20 29.69
N ASP A 296 -5.98 -10.32 29.60
CA ASP A 296 -6.53 -11.55 29.05
C ASP A 296 -7.51 -12.16 30.05
N VAL A 297 -8.68 -11.55 30.19
CA VAL A 297 -9.75 -12.11 30.99
C VAL A 297 -10.98 -12.26 30.12
N GLU A 298 -12.02 -12.89 30.65
CA GLU A 298 -13.19 -13.23 29.85
C GLU A 298 -13.84 -12.02 29.17
N ASP A 299 -13.91 -10.91 29.87
CA ASP A 299 -14.59 -9.71 29.37
C ASP A 299 -13.87 -9.08 28.18
N ASN A 300 -12.61 -9.39 28.00
CA ASN A 300 -11.80 -8.73 26.98
C ASN A 300 -11.48 -9.63 25.80
N LYS A 301 -12.10 -10.80 25.80
CA LYS A 301 -11.78 -11.82 24.81
C LYS A 301 -11.99 -11.28 23.39
N GLU A 302 -13.12 -10.62 23.19
CA GLU A 302 -13.48 -10.11 21.87
C GLU A 302 -12.41 -9.14 21.32
N PHE A 303 -11.98 -8.21 22.15
CA PHE A 303 -10.98 -7.22 21.74
C PHE A 303 -9.67 -7.93 21.39
N LEU A 304 -9.20 -8.81 22.26
CA LEU A 304 -7.91 -9.43 22.02
C LEU A 304 -7.95 -10.36 20.82
N LYS A 305 -9.08 -11.03 20.62
CA LYS A 305 -9.20 -11.88 19.43
C LYS A 305 -9.22 -11.02 18.16
N ASN A 306 -9.79 -9.81 18.25
CA ASN A 306 -9.74 -8.89 17.11
C ASN A 306 -8.31 -8.45 16.79
N VAL A 307 -7.48 -8.29 17.81
CA VAL A 307 -6.09 -7.97 17.56
C VAL A 307 -5.44 -9.08 16.71
N MET A 308 -5.68 -10.33 17.07
CA MET A 308 -5.04 -11.41 16.35
C MET A 308 -5.68 -11.58 14.97
N LYS A 309 -6.99 -11.42 14.88
CA LYS A 309 -7.67 -11.44 13.59
C LYS A 309 -6.99 -10.48 12.59
N MET A 310 -6.64 -9.28 13.07
CA MET A 310 -6.10 -8.27 12.17
C MET A 310 -4.64 -8.57 11.82
N ARG A 311 -3.94 -9.27 12.69
CA ARG A 311 -2.60 -9.75 12.34
C ARG A 311 -2.69 -10.78 11.22
N TYR A 312 -3.64 -11.69 11.33
CA TYR A 312 -3.80 -12.77 10.34
C TYR A 312 -4.40 -12.28 9.02
N ALA A 313 -5.24 -11.26 9.10
CA ALA A 313 -5.99 -10.80 7.93
C ALA A 313 -5.06 -10.43 6.77
N VAL A 314 -3.88 -9.91 7.10
CA VAL A 314 -2.95 -9.47 6.08
C VAL A 314 -1.70 -10.33 6.01
N SER A 315 -1.77 -11.54 6.59
CA SER A 315 -0.63 -12.42 6.53
C SER A 315 -1.03 -13.88 6.31
N THR A 316 -2.14 -14.12 5.62
CA THR A 316 -2.57 -15.51 5.40
C THR A 316 -2.94 -15.81 3.93
N ARG A 317 -2.91 -17.10 3.60
CA ARG A 317 -3.27 -17.59 2.29
C ARG A 317 -4.74 -17.98 2.21
N GLU A 318 -5.26 -18.09 0.98
CA GLU A 318 -6.62 -18.56 0.84
C GLU A 318 -6.79 -19.98 1.38
N SER A 319 -5.73 -20.78 1.30
CA SER A 319 -5.77 -22.13 1.83
C SER A 319 -5.90 -22.15 3.35
N GLU A 320 -5.59 -21.03 3.99
CA GLU A 320 -5.75 -20.90 5.43
C GLU A 320 -7.11 -20.30 5.79
N GLY A 321 -7.94 -20.07 4.79
CA GLY A 321 -9.28 -19.56 5.04
C GLY A 321 -9.49 -18.10 4.66
N ASN A 322 -8.48 -17.48 4.07
CA ASN A 322 -8.60 -16.08 3.72
C ASN A 322 -9.23 -15.90 2.33
N LYS A 323 -10.44 -15.34 2.30
CA LYS A 323 -11.11 -15.11 1.03
C LYS A 323 -11.22 -13.62 0.71
N GLU A 324 -10.37 -12.82 1.33
CA GLU A 324 -10.44 -11.36 1.13
C GLU A 324 -9.55 -10.86 -0.01
N ILE A 325 -8.54 -11.63 -0.37
CA ILE A 325 -7.59 -11.19 -1.37
C ILE A 325 -8.18 -11.31 -2.77
N ILE A 326 -8.13 -10.22 -3.52
CA ILE A 326 -8.62 -10.19 -4.88
C ILE A 326 -7.46 -10.49 -5.84
N TRP A 327 -6.31 -9.86 -5.58
CA TRP A 327 -5.12 -10.09 -6.36
C TRP A 327 -3.88 -10.04 -5.47
N GLY A 328 -3.20 -11.18 -5.35
CA GLY A 328 -1.98 -11.25 -4.56
C GLY A 328 -0.87 -11.91 -5.37
N LEU A 329 0.37 -11.59 -5.05
CA LEU A 329 1.53 -12.12 -5.76
C LEU A 329 2.35 -13.02 -4.86
N SER A 330 3.07 -13.97 -5.46
CA SER A 330 3.97 -14.82 -4.70
C SER A 330 5.23 -14.05 -4.29
N ASN A 331 5.50 -12.94 -4.97
CA ASN A 331 6.66 -12.12 -4.64
C ASN A 331 6.62 -11.67 -3.20
N GLN A 332 7.71 -11.91 -2.48
CA GLN A 332 7.78 -11.54 -1.07
C GLN A 332 8.55 -10.23 -0.86
N PHE A 333 8.38 -9.62 0.30
CA PHE A 333 9.19 -8.48 0.68
C PHE A 333 9.91 -8.74 2.01
N ASP A 334 10.97 -8.00 2.25
CA ASP A 334 11.83 -8.23 3.39
C ASP A 334 11.15 -7.87 4.71
N PHE A 335 11.40 -8.68 5.74
CA PHE A 335 10.85 -8.40 7.07
C PHE A 335 11.90 -7.87 8.06
N TYR A 336 13.18 -8.15 7.82
CA TYR A 336 14.19 -7.79 8.80
C TYR A 336 14.21 -6.28 9.04
N SER A 337 13.86 -5.55 7.99
CA SER A 337 13.80 -4.09 8.05
C SER A 337 12.79 -3.57 9.07
N ARG A 338 11.81 -4.39 9.46
CA ARG A 338 10.83 -3.94 10.46
C ARG A 338 11.03 -4.59 11.85
N TYR A 339 11.85 -5.63 11.93
CA TYR A 339 12.16 -6.28 13.21
C TYR A 339 13.00 -5.38 14.12
N PRO A 340 12.90 -5.57 15.44
CA PRO A 340 13.72 -4.83 16.41
C PRO A 340 15.20 -5.18 16.25
N LEU A 341 16.08 -4.46 16.94
CA LEU A 341 17.51 -4.68 16.77
C LEU A 341 17.94 -6.04 17.34
N ARG A 342 18.24 -6.13 18.63
CA ARG A 342 18.62 -7.42 19.21
C ARG A 342 17.38 -8.22 19.55
N ILE A 343 17.22 -9.36 18.90
CA ILE A 343 16.01 -10.16 19.05
C ILE A 343 16.13 -11.21 20.15
N LEU A 344 17.23 -11.94 20.13
CA LEU A 344 17.42 -13.08 21.01
C LEU A 344 18.87 -13.50 21.02
N LYS A 345 19.44 -13.68 22.21
CA LYS A 345 20.80 -14.14 22.32
C LYS A 345 20.84 -15.65 22.16
N LYS A 346 21.61 -16.09 21.17
CA LYS A 346 21.75 -17.51 20.89
C LYS A 346 22.67 -18.16 21.92
N SER A 347 22.67 -19.49 21.96
CA SER A 347 23.50 -20.22 22.92
C SER A 347 24.99 -19.98 22.69
N ASP A 348 25.37 -19.56 21.48
CA ASP A 348 26.78 -19.31 21.23
C ASP A 348 27.19 -17.90 21.64
N GLY A 349 26.25 -17.16 22.23
CA GLY A 349 26.53 -15.82 22.73
C GLY A 349 26.34 -14.72 21.72
N THR A 350 26.13 -15.08 20.45
CA THR A 350 25.81 -14.11 19.41
C THR A 350 24.30 -13.87 19.36
N TRP A 351 23.88 -12.80 18.69
CA TRP A 351 22.48 -12.38 18.69
C TRP A 351 21.80 -12.55 17.34
N HIS A 352 20.57 -13.07 17.35
CA HIS A 352 19.66 -12.88 16.24
C HIS A 352 19.36 -11.38 16.20
N ALA A 353 19.44 -10.74 15.03
CA ALA A 353 19.16 -9.30 14.96
C ALA A 353 18.33 -8.88 13.74
N GLY A 354 17.51 -7.85 13.92
CA GLY A 354 16.83 -7.20 12.81
C GLY A 354 17.47 -5.85 12.48
N TYR A 355 16.90 -5.13 11.50
CA TYR A 355 17.46 -3.85 11.06
C TYR A 355 16.76 -2.65 11.72
N SER A 356 15.52 -2.84 12.13
CA SER A 356 14.79 -1.86 12.93
C SER A 356 14.61 -0.50 12.25
N GLY A 357 14.67 -0.48 10.94
CA GLY A 357 14.61 0.77 10.20
C GLY A 357 13.24 1.31 9.88
N VAL A 358 12.27 0.43 9.68
CA VAL A 358 10.91 0.89 9.39
C VAL A 358 10.33 1.52 10.64
N SER A 359 10.22 2.85 10.65
CA SER A 359 9.92 3.59 11.86
C SER A 359 8.63 4.41 11.74
N PRO A 360 7.53 3.91 12.32
CA PRO A 360 6.27 4.65 12.25
C PRO A 360 6.36 6.03 12.87
N THR A 361 5.74 7.01 12.21
CA THR A 361 5.73 8.39 12.68
C THR A 361 4.72 8.63 13.79
N LEU A 362 4.85 9.76 14.49
CA LEU A 362 3.79 10.17 15.39
C LEU A 362 2.48 10.38 14.62
N TYR A 363 2.56 10.75 13.35
CA TYR A 363 1.32 10.93 12.59
C TYR A 363 0.55 9.60 12.60
N THR A 364 1.28 8.52 12.35
CA THR A 364 0.67 7.19 12.38
C THR A 364 0.09 6.88 13.76
N PHE A 365 0.88 7.12 14.80
CA PHE A 365 0.45 6.81 16.15
C PHE A 365 -0.65 7.74 16.63
N GLU A 366 -0.86 8.85 15.93
CA GLU A 366 -1.94 9.75 16.30
C GLU A 366 -3.18 9.59 15.43
N HIS A 367 -3.12 8.76 14.40
CA HIS A 367 -4.28 8.62 13.53
C HIS A 367 -4.85 7.20 13.44
N PHE A 368 -4.18 6.23 14.04
CA PHE A 368 -4.88 5.01 14.36
C PHE A 368 -5.92 5.42 15.42
N TYR A 369 -7.02 4.69 15.53
CA TYR A 369 -8.08 5.14 16.40
C TYR A 369 -7.86 4.80 17.88
N THR A 370 -8.63 5.47 18.73
CA THR A 370 -8.85 5.03 20.09
C THR A 370 -9.75 3.81 20.05
N ALA A 371 -9.93 3.16 21.19
CA ALA A 371 -10.81 2.01 21.30
C ALA A 371 -12.24 2.37 20.94
N ASN A 372 -12.60 3.64 21.06
CA ASN A 372 -13.94 4.09 20.73
C ASN A 372 -14.09 4.45 19.24
N GLY A 373 -13.05 4.20 18.46
CA GLY A 373 -13.11 4.45 17.03
C GLY A 373 -12.99 5.91 16.63
N LYS A 374 -12.30 6.69 17.44
CA LYS A 374 -12.10 8.12 17.17
C LYS A 374 -10.61 8.48 17.20
N LEU A 375 -10.26 9.59 16.58
CA LEU A 375 -8.90 10.11 16.68
C LEU A 375 -8.61 10.50 18.12
N PRO A 376 -7.42 10.17 18.62
CA PRO A 376 -6.98 10.59 19.97
C PRO A 376 -7.24 12.07 20.27
N GLU A 377 -6.91 12.93 19.31
CA GLU A 377 -7.05 14.37 19.50
C GLU A 377 -8.51 14.76 19.67
N LYS A 378 -9.40 14.03 19.01
CA LYS A 378 -10.82 14.38 18.94
C LYS A 378 -11.68 13.73 20.00
N ASP A 379 -11.18 12.62 20.57
CA ASP A 379 -11.96 11.79 21.47
C ASP A 379 -12.07 12.38 22.87
N LEU A 380 -13.27 12.80 23.25
CA LEU A 380 -13.50 13.37 24.58
C LEU A 380 -13.12 12.40 25.70
N ASP A 381 -13.14 11.09 25.40
CA ASP A 381 -12.87 10.10 26.42
C ASP A 381 -11.41 9.66 26.43
N PHE A 382 -10.58 10.35 25.65
CA PHE A 382 -9.18 10.00 25.57
C PHE A 382 -8.30 11.08 26.19
N THR A 383 -7.18 10.63 26.75
CA THR A 383 -6.15 11.50 27.33
C THR A 383 -5.92 12.79 26.55
N PRO A 384 -5.82 13.93 27.27
CA PRO A 384 -5.50 15.16 26.52
C PRO A 384 -4.10 15.09 25.95
N SER A 385 -3.88 15.72 24.81
CA SER A 385 -2.59 15.62 24.14
C SER A 385 -1.43 16.10 25.02
N SER A 386 -1.74 16.92 26.02
CA SER A 386 -0.73 17.41 26.95
C SER A 386 -0.11 16.29 27.80
N GLU A 387 -0.81 15.17 27.90
CA GLU A 387 -0.34 14.08 28.73
C GLU A 387 0.01 12.80 27.96
N TRP A 388 0.05 12.90 26.63
CA TRP A 388 0.26 11.70 25.82
C TRP A 388 1.62 11.03 26.05
N PHE A 389 2.61 11.80 26.48
CA PHE A 389 3.96 11.28 26.60
C PHE A 389 4.34 10.95 28.05
N GLU A 390 3.36 11.02 28.95
CA GLU A 390 3.56 10.59 30.33
C GLU A 390 3.49 9.07 30.39
N SER A 391 4.09 8.49 31.43
CA SER A 391 3.97 7.06 31.65
C SER A 391 2.54 6.70 32.00
N ALA A 392 2.04 5.60 31.46
CA ALA A 392 0.70 5.11 31.77
C ALA A 392 0.66 4.44 33.15
N GLY A 393 1.83 4.25 33.74
CA GLY A 393 1.93 3.74 35.09
C GLY A 393 1.67 2.26 35.22
N ILE A 394 1.80 1.54 34.12
CA ILE A 394 1.58 0.10 34.09
C ILE A 394 2.73 -0.66 34.76
N SER A 395 2.38 -1.46 35.77
CA SER A 395 3.37 -2.18 36.55
C SER A 395 4.25 -3.09 35.69
N SER A 396 5.56 -2.97 35.88
CA SER A 396 6.55 -3.75 35.16
C SER A 396 6.63 -3.37 33.68
N ARG A 397 5.82 -2.39 33.29
CA ARG A 397 5.86 -1.89 31.92
C ARG A 397 5.72 -0.37 31.89
N GLU A 398 6.45 0.29 32.79
CA GLU A 398 6.30 1.72 32.99
C GLU A 398 6.77 2.54 31.79
N ASP A 399 7.45 1.91 30.84
CA ASP A 399 7.90 2.62 29.65
C ASP A 399 6.75 2.94 28.69
N ILE A 400 5.62 2.26 28.85
CA ILE A 400 4.47 2.47 27.98
C ILE A 400 3.84 3.84 28.24
N ILE A 401 3.83 4.73 27.26
CA ILE A 401 3.21 6.06 27.44
C ILE A 401 1.70 6.06 27.20
N LYS A 402 1.00 7.07 27.72
CA LYS A 402 -0.46 7.10 27.71
C LYS A 402 -1.06 7.09 26.30
N LEU A 403 -0.33 7.64 25.34
CA LEU A 403 -0.78 7.63 23.95
C LEU A 403 -1.02 6.20 23.46
N ASN A 404 -0.24 5.26 23.99
CA ASN A 404 -0.26 3.88 23.51
C ASN A 404 -1.22 2.97 24.26
N VAL A 405 -1.98 3.55 25.17
CA VAL A 405 -3.00 2.84 25.92
C VAL A 405 -4.39 3.31 25.49
N GLY A 406 -5.35 2.40 25.48
CA GLY A 406 -6.73 2.71 25.15
C GLY A 406 -7.01 2.83 23.65
N ARG A 407 -6.20 2.17 22.84
CA ARG A 407 -6.31 2.25 21.39
C ARG A 407 -7.12 1.08 20.77
N GLU A 408 -7.33 1.13 19.45
CA GLU A 408 -8.12 0.11 18.75
C GLU A 408 -7.31 -1.16 18.48
N PRO A 409 -7.99 -2.29 18.24
CA PRO A 409 -7.28 -3.54 17.97
C PRO A 409 -6.22 -3.43 16.87
N ARG A 410 -6.51 -2.68 15.81
CA ARG A 410 -5.57 -2.60 14.70
C ARG A 410 -4.27 -1.96 15.15
N PHE A 411 -4.37 -1.06 16.13
CA PHE A 411 -3.18 -0.41 16.66
C PHE A 411 -2.24 -1.44 17.29
N TYR A 412 -2.78 -2.24 18.20
CA TYR A 412 -1.96 -3.25 18.88
C TYR A 412 -1.58 -4.39 17.93
N ALA A 413 -2.44 -4.68 16.97
CA ALA A 413 -2.11 -5.69 15.97
C ALA A 413 -0.85 -5.33 15.18
N TRP A 414 -0.75 -4.06 14.77
CA TRP A 414 0.22 -3.69 13.74
C TRP A 414 1.35 -2.78 14.23
N MET A 415 1.18 -2.17 15.39
CA MET A 415 2.21 -1.28 15.89
C MET A 415 2.93 -1.87 17.11
N ALA A 416 4.07 -1.29 17.43
CA ALA A 416 4.83 -1.72 18.60
C ALA A 416 5.60 -0.53 19.17
N PHE A 417 5.88 -0.59 20.47
CA PHE A 417 6.34 0.59 21.20
C PHE A 417 7.07 0.20 22.46
N ASP A 418 7.88 1.12 22.98
CA ASP A 418 8.67 0.90 24.18
C ASP A 418 7.79 0.38 25.32
N GLY A 419 8.25 -0.69 25.95
CA GLY A 419 7.52 -1.33 27.03
C GLY A 419 6.50 -2.36 26.58
N GLY A 420 6.20 -2.38 25.28
CA GLY A 420 5.22 -3.30 24.75
C GLY A 420 5.84 -4.58 24.24
N ASP A 421 5.01 -5.49 23.76
CA ASP A 421 5.46 -6.76 23.16
C ASP A 421 5.58 -6.67 21.65
N TYR A 422 6.59 -7.34 21.10
CA TYR A 422 6.70 -7.54 19.66
C TYR A 422 6.54 -9.03 19.33
N GLY A 423 5.51 -9.37 18.56
CA GLY A 423 5.30 -10.74 18.15
C GLY A 423 4.70 -11.62 19.24
N THR A 424 4.66 -12.92 18.99
CA THR A 424 4.04 -13.85 19.91
C THR A 424 5.01 -14.98 20.30
N LYS A 425 5.58 -15.63 19.29
CA LYS A 425 6.59 -16.67 19.47
C LYS A 425 7.99 -16.13 19.23
N PHE A 426 8.08 -14.82 19.05
CA PHE A 426 9.24 -14.15 18.46
C PHE A 426 10.60 -14.52 19.08
N ALA A 427 10.69 -14.45 20.40
CA ALA A 427 11.97 -14.71 21.05
C ALA A 427 11.93 -16.05 21.76
N ALA A 428 12.33 -17.10 21.06
CA ALA A 428 12.38 -18.44 21.63
C ALA A 428 11.02 -18.89 22.18
N GLY A 429 9.95 -18.45 21.53
CA GLY A 429 8.62 -18.89 21.89
C GLY A 429 7.81 -17.93 22.74
N SER A 430 8.44 -16.81 23.13
CA SER A 430 7.76 -15.77 23.89
C SER A 430 7.80 -14.44 23.16
N PRO A 431 6.83 -13.56 23.46
CA PRO A 431 6.85 -12.21 22.90
C PRO A 431 8.10 -11.47 23.33
N LEU A 432 8.63 -10.61 22.47
CA LEU A 432 9.80 -9.84 22.78
C LEU A 432 9.40 -8.48 23.37
N LYS A 433 9.80 -8.22 24.61
CA LYS A 433 9.51 -6.92 25.21
C LYS A 433 10.47 -5.90 24.68
N LEU A 434 9.95 -4.77 24.21
CA LEU A 434 10.81 -3.78 23.59
C LEU A 434 11.42 -2.84 24.63
N GLU A 435 12.72 -2.60 24.48
CA GLU A 435 13.45 -1.65 25.31
C GLU A 435 14.11 -0.63 24.40
N MET A 436 13.32 0.33 23.94
CA MET A 436 13.74 1.24 22.87
C MET A 436 14.73 2.30 23.34
N ARG A 437 14.93 2.40 24.65
CA ARG A 437 15.85 3.37 25.22
C ARG A 437 17.17 2.71 25.63
N ASN A 438 17.22 1.40 25.50
CA ASN A 438 18.39 0.61 25.87
C ASN A 438 19.37 0.49 24.72
N SER A 439 20.52 1.14 24.87
CA SER A 439 21.53 1.20 23.82
C SER A 439 22.13 -0.16 23.46
N GLU A 440 21.83 -1.17 24.27
CA GLU A 440 22.35 -2.52 24.05
C GLU A 440 21.25 -3.54 23.81
N MET A 441 20.06 -3.06 23.50
CA MET A 441 18.97 -3.94 23.14
C MET A 441 18.30 -3.45 21.85
N HIS A 442 17.37 -2.49 21.99
CA HIS A 442 16.60 -2.01 20.85
C HIS A 442 16.74 -0.51 20.58
N GLY A 443 17.62 0.15 21.32
CA GLY A 443 17.84 1.57 21.19
C GLY A 443 18.96 2.01 20.26
N TYR A 444 19.05 3.31 20.06
CA TYR A 444 20.07 3.94 19.23
C TYR A 444 21.48 3.70 19.76
N ASN A 445 22.37 3.23 18.90
CA ASN A 445 23.77 3.01 19.26
C ASN A 445 24.59 2.68 18.03
N PRO A 446 25.05 3.72 17.32
CA PRO A 446 25.81 3.51 16.08
C PRO A 446 27.07 2.66 16.27
N SER A 447 27.68 2.73 17.45
CA SER A 447 28.94 2.03 17.67
C SER A 447 28.70 0.52 17.65
N LEU A 448 27.49 0.12 17.98
CA LEU A 448 27.13 -1.29 18.03
C LEU A 448 26.32 -1.72 16.81
N PHE A 449 25.40 -0.87 16.37
CA PHE A 449 24.45 -1.24 15.32
C PHE A 449 24.67 -0.55 13.98
N ASN A 450 25.71 0.26 13.89
CA ASN A 450 26.03 0.96 12.66
C ASN A 450 24.88 1.86 12.23
N ARG A 451 24.36 1.65 11.03
CA ARG A 451 23.28 2.49 10.51
C ARG A 451 21.91 2.21 11.12
N ASP A 452 21.74 1.03 11.73
CA ASP A 452 20.42 0.52 12.02
C ASP A 452 19.86 0.99 13.36
N HIS A 453 18.67 1.57 13.31
CA HIS A 453 17.95 2.01 14.50
C HIS A 453 16.57 2.50 14.11
N SER A 454 15.61 2.44 15.02
CA SER A 454 14.35 3.11 14.80
C SER A 454 14.56 4.62 14.85
N VAL A 455 14.15 5.30 13.80
CA VAL A 455 14.27 6.75 13.72
C VAL A 455 13.35 7.48 14.69
N THR A 456 12.21 6.86 14.99
CA THR A 456 11.15 7.52 15.73
C THR A 456 10.87 6.93 17.12
N GLY A 457 11.49 5.81 17.44
CA GLY A 457 11.21 5.16 18.70
C GLY A 457 10.01 4.23 18.67
N PHE A 458 9.37 4.12 17.50
CA PHE A 458 8.31 3.15 17.30
C PHE A 458 8.73 2.10 16.27
N LEU A 459 7.96 1.03 16.20
CA LEU A 459 8.16 0.00 15.18
C LEU A 459 6.80 -0.51 14.70
N THR A 460 6.80 -1.28 13.62
CA THR A 460 5.58 -1.95 13.17
C THR A 460 5.79 -3.46 13.10
N GLN A 461 4.74 -4.21 13.37
CA GLN A 461 4.76 -5.64 13.17
C GLN A 461 3.65 -6.06 12.19
N LYS A 462 3.20 -5.14 11.34
CA LYS A 462 2.23 -5.51 10.32
C LYS A 462 2.88 -6.54 9.38
N PHE A 463 2.10 -7.55 9.01
CA PHE A 463 2.53 -8.61 8.10
C PHE A 463 3.39 -9.67 8.78
N VAL A 464 3.74 -9.45 10.04
CA VAL A 464 4.59 -10.40 10.73
C VAL A 464 3.78 -11.59 11.24
N ASP A 465 4.06 -12.77 10.68
CA ASP A 465 3.33 -13.99 11.04
C ASP A 465 3.42 -14.26 12.53
N PRO A 466 2.27 -14.45 13.19
CA PRO A 466 2.30 -14.69 14.64
C PRO A 466 3.20 -15.86 15.08
N VAL A 467 3.48 -16.77 14.17
CA VAL A 467 4.26 -17.97 14.50
C VAL A 467 5.77 -17.69 14.41
N THR A 468 6.12 -16.54 13.86
CA THR A 468 7.52 -16.17 13.72
C THR A 468 8.28 -16.37 15.02
N GLU A 469 9.45 -16.95 14.91
CA GLU A 469 10.19 -17.36 16.10
C GLU A 469 11.65 -17.56 15.78
N PHE A 470 12.50 -16.96 16.61
CA PHE A 470 13.93 -17.18 16.56
C PHE A 470 14.35 -18.12 17.68
N TYR A 471 15.27 -19.03 17.36
CA TYR A 471 15.64 -20.13 18.25
C TYR A 471 16.99 -19.92 18.91
N THR A 472 17.09 -20.29 20.18
CA THR A 472 18.33 -20.16 20.92
C THR A 472 19.43 -20.97 20.26
N ALA A 473 19.09 -22.15 19.76
CA ALA A 473 20.08 -23.02 19.14
C ALA A 473 20.52 -22.53 17.78
N GLY A 474 19.90 -21.44 17.32
CA GLY A 474 20.22 -20.90 16.02
C GLY A 474 19.09 -21.24 15.04
N GLY A 475 19.00 -20.50 13.96
CA GLY A 475 17.92 -20.73 13.03
C GLY A 475 16.64 -20.06 13.50
N SER A 476 15.61 -20.14 12.66
CA SER A 476 14.38 -19.42 12.88
C SER A 476 13.31 -19.87 11.90
N THR A 477 12.08 -19.40 12.13
CA THR A 477 10.97 -19.66 11.23
C THR A 477 10.14 -18.38 11.09
N SER A 478 9.54 -18.18 9.93
CA SER A 478 8.63 -17.05 9.73
C SER A 478 7.21 -17.57 9.57
N GLY A 479 6.95 -18.75 10.12
CA GLY A 479 5.65 -19.38 10.01
C GLY A 479 5.39 -19.79 8.57
N THR A 480 4.25 -19.36 8.04
CA THR A 480 3.88 -19.68 6.66
C THR A 480 3.81 -18.39 5.85
N SER A 481 4.51 -18.32 4.72
CA SER A 481 4.48 -17.08 3.94
C SER A 481 3.07 -16.78 3.42
N ALA A 482 2.84 -15.52 3.04
CA ALA A 482 1.57 -15.12 2.48
C ALA A 482 1.80 -14.30 1.22
N PRO A 483 0.79 -14.22 0.35
CA PRO A 483 0.90 -13.43 -0.89
C PRO A 483 1.11 -11.97 -0.56
N THR A 484 1.82 -11.23 -1.40
CA THR A 484 1.86 -9.78 -1.22
C THR A 484 0.62 -9.23 -1.87
N ILE A 485 -0.15 -8.48 -1.09
CA ILE A 485 -1.46 -8.02 -1.51
C ILE A 485 -1.42 -6.83 -2.47
N LEU A 486 -2.09 -6.94 -3.61
CA LEU A 486 -2.23 -5.81 -4.52
C LEU A 486 -3.64 -5.21 -4.41
N PHE A 487 -4.64 -6.08 -4.36
CA PHE A 487 -6.03 -5.70 -4.16
C PHE A 487 -6.71 -6.64 -3.17
N ARG A 488 -7.34 -6.11 -2.14
CA ARG A 488 -8.20 -6.91 -1.26
C ARG A 488 -9.52 -6.21 -1.00
N LEU A 489 -10.47 -6.96 -0.46
CA LEU A 489 -11.86 -6.52 -0.44
C LEU A 489 -12.10 -5.26 0.39
N ALA A 490 -11.34 -5.08 1.46
CA ALA A 490 -11.53 -3.93 2.33
C ALA A 490 -11.45 -2.63 1.53
N GLU A 491 -10.54 -2.62 0.54
CA GLU A 491 -10.37 -1.44 -0.30
C GLU A 491 -11.64 -1.09 -1.08
N LEU A 492 -12.34 -2.10 -1.55
CA LEU A 492 -13.54 -1.85 -2.35
C LEU A 492 -14.61 -1.16 -1.51
N TYR A 493 -14.74 -1.57 -0.25
CA TYR A 493 -15.64 -0.87 0.66
C TYR A 493 -15.20 0.59 0.80
N LEU A 494 -13.90 0.80 0.98
CA LEU A 494 -13.38 2.14 1.17
C LEU A 494 -13.56 3.02 -0.07
N ASN A 495 -13.32 2.45 -1.25
CA ASN A 495 -13.52 3.15 -2.50
C ASN A 495 -14.95 3.62 -2.68
N VAL A 496 -15.91 2.74 -2.43
CA VAL A 496 -17.33 3.10 -2.50
C VAL A 496 -17.65 4.20 -1.50
N ALA A 497 -17.09 4.10 -0.31
CA ALA A 497 -17.32 5.12 0.72
C ALA A 497 -16.85 6.49 0.24
N GLU A 498 -15.67 6.54 -0.36
CA GLU A 498 -15.10 7.79 -0.81
C GLU A 498 -15.96 8.43 -1.90
N CYS A 499 -16.48 7.61 -2.81
CA CYS A 499 -17.33 8.12 -3.87
C CYS A 499 -18.62 8.69 -3.32
N HIS A 500 -19.26 7.95 -2.42
CA HIS A 500 -20.47 8.45 -1.76
C HIS A 500 -20.21 9.78 -1.04
N ALA A 501 -19.08 9.85 -0.34
CA ALA A 501 -18.70 11.09 0.36
C ALA A 501 -18.58 12.27 -0.59
N ALA A 502 -17.92 12.05 -1.73
CA ALA A 502 -17.74 13.10 -2.74
C ALA A 502 -19.09 13.60 -3.25
N LEU A 503 -20.06 12.70 -3.33
CA LEU A 503 -21.36 13.01 -3.90
C LEU A 503 -22.36 13.53 -2.87
N GLY A 504 -21.95 13.56 -1.61
CA GLY A 504 -22.82 14.01 -0.54
C GLY A 504 -23.79 12.95 -0.03
N ASN A 505 -23.58 11.70 -0.41
CA ASN A 505 -24.41 10.61 0.09
C ASN A 505 -23.90 10.14 1.45
N THR A 506 -24.23 10.89 2.50
CA THR A 506 -23.56 10.66 3.78
C THR A 506 -23.87 9.30 4.40
N GLN A 507 -25.14 8.92 4.43
CA GLN A 507 -25.49 7.65 5.04
C GLN A 507 -24.88 6.48 4.26
N GLU A 508 -24.81 6.60 2.94
CA GLU A 508 -24.26 5.50 2.14
C GLU A 508 -22.74 5.40 2.30
N ALA A 509 -22.07 6.54 2.44
CA ALA A 509 -20.65 6.52 2.77
C ALA A 509 -20.43 5.77 4.07
N ILE A 510 -21.18 6.16 5.10
CA ILE A 510 -21.15 5.48 6.40
C ILE A 510 -21.39 3.97 6.26
N ASP A 511 -22.43 3.61 5.53
CA ASP A 511 -22.79 2.20 5.29
C ASP A 511 -21.63 1.43 4.67
N ALA A 512 -20.83 2.10 3.85
CA ALA A 512 -19.70 1.45 3.20
C ALA A 512 -18.50 1.28 4.14
N LEU A 513 -18.26 2.25 5.02
CA LEU A 513 -17.17 2.15 5.98
C LEU A 513 -17.45 1.11 7.07
N ASN A 514 -18.70 0.97 7.45
CA ASN A 514 -19.01 0.23 8.67
C ASN A 514 -18.64 -1.26 8.65
N PRO A 515 -18.73 -1.93 7.50
CA PRO A 515 -18.26 -3.32 7.52
C PRO A 515 -16.77 -3.46 7.86
N VAL A 516 -15.98 -2.50 7.43
CA VAL A 516 -14.54 -2.49 7.70
C VAL A 516 -14.28 -2.14 9.16
N ARG A 517 -15.01 -1.16 9.68
CA ARG A 517 -14.89 -0.78 11.08
C ARG A 517 -15.31 -1.93 12.00
N GLU A 518 -16.43 -2.55 11.68
CA GLU A 518 -16.96 -3.64 12.48
C GLU A 518 -16.02 -4.84 12.55
N ARG A 519 -15.43 -5.19 11.40
CA ARG A 519 -14.48 -6.30 11.34
C ARG A 519 -13.27 -6.01 12.23
N ALA A 520 -12.85 -4.74 12.27
CA ALA A 520 -11.68 -4.32 13.03
C ALA A 520 -11.97 -4.15 14.53
N GLY A 521 -13.22 -4.35 14.93
CA GLY A 521 -13.58 -4.33 16.33
C GLY A 521 -13.67 -2.94 16.95
N ILE A 522 -14.07 -1.96 16.14
CA ILE A 522 -14.41 -0.63 16.66
C ILE A 522 -15.87 -0.32 16.32
N PRO A 523 -16.46 0.67 17.00
CA PRO A 523 -17.86 1.01 16.83
C PRO A 523 -18.20 1.49 15.42
N LYS A 524 -19.42 1.19 14.99
CA LYS A 524 -19.90 1.71 13.72
C LYS A 524 -20.14 3.21 13.83
N LEU A 525 -20.06 3.89 12.69
CA LEU A 525 -20.40 5.30 12.58
C LEU A 525 -21.92 5.47 12.41
N THR A 526 -22.45 6.57 12.91
CA THR A 526 -23.77 7.01 12.55
C THR A 526 -23.68 8.46 12.06
N LEU A 527 -24.80 8.99 11.58
CA LEU A 527 -24.85 10.37 11.13
C LEU A 527 -24.37 11.33 12.23
N ALA A 528 -24.59 10.93 13.49
CA ALA A 528 -24.19 11.76 14.62
C ALA A 528 -22.69 12.00 14.66
N ASP A 529 -21.93 11.08 14.09
CA ASP A 529 -20.48 11.19 14.09
C ASP A 529 -19.95 12.14 13.02
N ILE A 530 -20.83 12.58 12.12
CA ILE A 530 -20.42 13.48 11.05
C ILE A 530 -20.68 14.92 11.48
N THR A 531 -19.61 15.69 11.65
CA THR A 531 -19.71 17.03 12.21
C THR A 531 -18.70 17.99 11.60
N ASN A 532 -18.73 19.24 12.03
CA ASN A 532 -17.74 20.23 11.60
C ASN A 532 -16.38 19.99 12.23
N ASN A 533 -16.29 19.03 13.15
CA ASN A 533 -14.99 18.65 13.72
C ASN A 533 -14.46 17.35 13.13
N MET A 534 -15.32 16.61 12.44
CA MET A 534 -14.91 15.36 11.81
C MET A 534 -15.87 15.06 10.67
N THR A 535 -15.51 15.51 9.48
CA THR A 535 -16.36 15.40 8.30
C THR A 535 -16.40 13.97 7.77
N ILE A 536 -17.36 13.69 6.89
CA ILE A 536 -17.45 12.37 6.30
C ILE A 536 -16.18 12.07 5.51
N LYS A 537 -15.61 13.10 4.90
CA LYS A 537 -14.36 12.92 4.16
C LYS A 537 -13.20 12.61 5.10
N ASP A 538 -13.19 13.27 6.27
CA ASP A 538 -12.20 12.98 7.29
C ASP A 538 -12.23 11.50 7.66
N TRP A 539 -13.43 10.99 7.89
CA TRP A 539 -13.61 9.59 8.28
C TRP A 539 -13.10 8.64 7.19
N VAL A 540 -13.52 8.89 5.96
CA VAL A 540 -13.13 8.01 4.87
C VAL A 540 -11.63 7.97 4.71
N HIS A 541 -11.04 9.15 4.62
CA HIS A 541 -9.61 9.24 4.42
C HIS A 541 -8.86 8.57 5.57
N ASN A 542 -9.33 8.76 6.79
CA ASN A 542 -8.60 8.18 7.92
C ASN A 542 -8.79 6.66 7.99
N GLU A 543 -9.99 6.19 7.68
CA GLU A 543 -10.21 4.75 7.68
C GLU A 543 -9.29 4.12 6.63
N ARG A 544 -9.12 4.79 5.49
CA ARG A 544 -8.18 4.32 4.47
C ARG A 544 -6.75 4.33 5.01
N PHE A 545 -6.37 5.40 5.70
CA PHE A 545 -5.03 5.50 6.28
C PHE A 545 -4.71 4.31 7.19
N VAL A 546 -5.71 3.93 7.96
CA VAL A 546 -5.55 2.90 8.97
C VAL A 546 -5.60 1.50 8.35
N GLU A 547 -6.72 1.17 7.73
CA GLU A 547 -6.89 -0.18 7.21
C GLU A 547 -5.79 -0.61 6.23
N LEU A 548 -5.40 0.29 5.34
CA LEU A 548 -4.45 -0.07 4.27
C LEU A 548 -3.04 0.43 4.57
N TRP A 549 -2.77 0.70 5.84
CA TRP A 549 -1.46 1.18 6.26
C TRP A 549 -0.35 0.26 5.77
N ASN A 550 0.67 0.84 5.14
CA ASN A 550 1.84 0.10 4.64
C ASN A 550 1.48 -0.91 3.53
N GLU A 551 0.41 -0.64 2.80
CA GLU A 551 0.00 -1.47 1.67
C GLU A 551 0.16 -0.73 0.32
N GLY A 552 0.98 0.32 0.33
CA GLY A 552 1.33 1.04 -0.89
C GLY A 552 0.27 1.98 -1.41
N HIS A 553 -0.58 2.48 -0.52
CA HIS A 553 -1.67 3.39 -0.91
C HIS A 553 -1.40 4.86 -0.61
N ARG A 554 -0.79 5.11 0.55
CA ARG A 554 -0.66 6.49 1.03
C ARG A 554 0.09 7.35 0.03
N PHE A 555 1.14 6.80 -0.56
CA PHE A 555 1.90 7.44 -1.63
C PHE A 555 1.00 8.04 -2.70
N PHE A 556 0.06 7.23 -3.16
CA PHE A 556 -0.86 7.64 -4.21
C PHE A 556 -2.02 8.48 -3.70
N ASP A 557 -2.49 8.16 -2.50
CA ASP A 557 -3.68 8.83 -1.99
C ASP A 557 -3.39 10.29 -1.65
N VAL A 558 -2.28 10.55 -0.95
CA VAL A 558 -1.92 11.93 -0.66
C VAL A 558 -1.71 12.70 -1.96
N ARG A 559 -1.11 12.07 -2.96
CA ARG A 559 -0.92 12.76 -4.24
C ARG A 559 -2.25 13.06 -4.91
N ARG A 560 -3.11 12.06 -5.06
CA ARG A 560 -4.35 12.28 -5.81
C ARG A 560 -5.24 13.30 -5.07
N TRP A 561 -5.10 13.38 -3.75
CA TRP A 561 -5.86 14.33 -2.96
C TRP A 561 -5.25 15.73 -3.04
N ALA A 562 -4.12 15.83 -3.73
CA ALA A 562 -3.39 17.10 -3.86
C ALA A 562 -2.99 17.67 -2.49
N GLU A 563 -2.49 16.80 -1.61
CA GLU A 563 -2.13 17.22 -0.26
C GLU A 563 -0.67 16.93 0.08
N GLY A 564 0.18 16.92 -0.93
CA GLY A 564 1.60 16.69 -0.74
C GLY A 564 2.27 17.60 0.26
N ALA A 565 2.07 18.92 0.11
CA ALA A 565 2.69 19.87 1.02
C ALA A 565 2.20 19.65 2.44
N LYS A 566 0.90 19.41 2.58
CA LYS A 566 0.29 19.23 3.88
C LYS A 566 0.88 18.05 4.65
N TYR A 567 1.07 16.92 3.96
CA TYR A 567 1.46 15.69 4.67
C TYR A 567 2.90 15.26 4.46
N PHE A 568 3.48 15.59 3.30
CA PHE A 568 4.82 15.14 2.97
C PHE A 568 5.88 16.24 3.01
N GLY A 569 5.49 17.45 3.40
CA GLY A 569 6.40 18.58 3.35
C GLY A 569 7.47 18.59 4.44
N ALA A 570 8.39 19.54 4.35
CA ALA A 570 9.45 19.65 5.34
C ALA A 570 8.88 19.77 6.74
N ASN A 571 9.53 19.09 7.68
CA ASN A 571 9.20 19.14 9.10
C ASN A 571 7.84 18.52 9.50
N LYS A 572 7.08 17.98 8.55
CA LYS A 572 5.81 17.34 8.89
C LYS A 572 6.01 16.02 9.65
N ARG A 573 7.05 15.28 9.29
CA ARG A 573 7.32 13.99 9.90
C ARG A 573 7.95 14.15 11.29
N GLU A 574 7.33 13.52 12.28
CA GLU A 574 7.79 13.57 13.67
C GLU A 574 7.85 12.20 14.32
N GLY A 575 8.59 12.14 15.42
CA GLY A 575 8.69 10.91 16.20
C GLY A 575 9.12 11.24 17.62
N LEU A 576 9.54 10.22 18.37
CA LEU A 576 10.13 10.48 19.69
C LEU A 576 11.58 10.93 19.53
N ASN A 577 12.23 11.22 20.65
CA ASN A 577 13.62 11.64 20.65
C ASN A 577 14.53 10.41 20.56
N ALA A 578 14.52 9.76 19.40
CA ALA A 578 15.05 8.40 19.27
C ALA A 578 16.46 8.31 18.67
N GLU A 579 17.09 9.44 18.40
CA GLU A 579 18.43 9.40 17.81
C GLU A 579 19.46 10.01 18.77
N VAL A 580 19.28 9.69 20.04
CA VAL A 580 20.17 10.05 21.12
C VAL A 580 20.46 8.79 21.93
N GLN A 581 21.73 8.55 22.28
CA GLN A 581 22.08 7.29 22.93
C GLN A 581 21.74 7.26 24.42
N SER A 582 21.12 6.17 24.86
CA SER A 582 20.77 5.93 26.26
C SER A 582 20.02 7.08 26.93
N PRO A 583 18.87 7.46 26.37
CA PRO A 583 18.06 8.53 26.95
C PRO A 583 17.30 8.05 28.18
N THR A 584 17.01 8.98 29.09
CA THR A 584 16.07 8.72 30.15
C THR A 584 14.66 8.66 29.56
N PHE A 585 13.71 8.17 30.34
CA PHE A 585 12.32 8.14 29.92
C PHE A 585 11.85 9.52 29.48
N GLU A 586 12.21 10.52 30.27
CA GLU A 586 11.80 11.89 30.03
C GLU A 586 12.45 12.49 28.78
N GLU A 587 13.72 12.18 28.55
CA GLU A 587 14.43 12.66 27.37
C GLU A 587 13.88 11.98 26.11
N PHE A 588 13.56 10.70 26.24
CA PHE A 588 13.10 9.91 25.11
C PHE A 588 11.75 10.40 24.62
N ASN A 589 10.83 10.62 25.56
CA ASN A 589 9.45 10.82 25.20
C ASN A 589 9.09 12.28 24.99
N LYS A 590 9.66 12.85 23.93
CA LYS A 590 9.41 14.23 23.53
C LYS A 590 9.15 14.29 22.02
N ARG A 591 8.11 15.02 21.62
CA ARG A 591 7.84 15.23 20.20
C ARG A 591 9.06 15.82 19.53
N THR A 592 9.56 15.12 18.51
CA THR A 592 10.82 15.49 17.87
C THR A 592 10.69 15.45 16.35
N THR A 593 11.03 16.55 15.70
CA THR A 593 11.00 16.59 14.23
C THR A 593 12.02 15.62 13.64
N VAL A 594 11.61 14.81 12.67
CA VAL A 594 12.54 13.92 12.01
C VAL A 594 13.58 14.75 11.28
N ASP A 595 14.84 14.47 11.58
CA ASP A 595 15.96 15.29 11.16
C ASP A 595 16.62 14.76 9.89
N ALA A 596 15.92 14.96 8.78
CA ALA A 596 16.41 14.62 7.45
C ALA A 596 15.75 15.62 6.51
N PRO A 597 16.38 15.91 5.37
CA PRO A 597 15.92 16.97 4.48
C PRO A 597 14.69 16.62 3.63
N TYR A 598 13.66 16.06 4.26
CA TYR A 598 12.38 15.90 3.58
C TYR A 598 11.86 17.25 3.09
N VAL A 599 11.27 17.24 1.91
CA VAL A 599 10.62 18.42 1.37
C VAL A 599 9.42 18.01 0.53
N TRP A 600 8.54 18.95 0.24
CA TRP A 600 7.60 18.74 -0.85
C TRP A 600 7.67 19.92 -1.81
N GLU A 601 7.74 19.60 -3.10
CA GLU A 601 7.60 20.57 -4.17
C GLU A 601 6.64 19.97 -5.19
N ASN A 602 5.92 20.83 -5.91
CA ASN A 602 4.86 20.36 -6.80
C ASN A 602 5.29 19.39 -7.88
N ARG A 603 6.54 19.47 -8.31
CA ARG A 603 7.01 18.58 -9.35
C ARG A 603 6.96 17.13 -8.86
N MET A 604 6.93 16.95 -7.55
CA MET A 604 7.00 15.63 -6.96
C MET A 604 5.73 14.79 -7.13
N TYR A 605 4.65 15.40 -7.60
CA TYR A 605 3.43 14.64 -7.86
C TYR A 605 3.63 13.58 -8.94
N LEU A 606 4.56 13.85 -9.86
CA LEU A 606 4.79 12.97 -11.00
C LEU A 606 6.21 12.44 -11.02
N ASN A 607 6.36 11.20 -11.47
CA ASN A 607 7.67 10.58 -11.65
C ASN A 607 8.34 11.16 -12.91
N PRO A 608 9.59 11.60 -12.82
CA PRO A 608 10.24 12.13 -14.03
C PRO A 608 10.44 11.08 -15.11
N VAL A 609 10.36 11.48 -16.37
CA VAL A 609 10.62 10.55 -17.45
C VAL A 609 12.12 10.41 -17.67
N PHE A 610 12.56 9.16 -17.86
CA PHE A 610 13.95 8.85 -18.16
C PHE A 610 14.46 9.78 -19.25
N TYR A 611 15.63 10.35 -19.01
CA TYR A 611 16.28 11.30 -19.92
C TYR A 611 16.33 10.78 -21.36
N ASN A 612 16.82 9.56 -21.52
CA ASN A 612 16.96 8.96 -22.83
C ASN A 612 15.64 8.89 -23.59
N GLU A 613 14.55 8.63 -22.86
CA GLU A 613 13.25 8.47 -23.50
C GLU A 613 12.73 9.80 -24.04
N VAL A 614 12.95 10.87 -23.29
CA VAL A 614 12.51 12.19 -23.74
C VAL A 614 13.31 12.59 -24.97
N TYR A 615 14.59 12.21 -24.98
CA TYR A 615 15.46 12.47 -26.11
C TYR A 615 15.07 11.63 -27.32
N LYS A 616 14.76 10.38 -27.07
CA LYS A 616 14.46 9.41 -28.13
C LYS A 616 13.13 9.66 -28.83
N ASN A 617 12.12 10.04 -28.06
CA ASN A 617 10.78 10.25 -28.60
C ASN A 617 10.48 11.75 -28.77
N PRO A 618 10.51 12.23 -30.02
CA PRO A 618 10.33 13.66 -30.26
C PRO A 618 8.97 14.17 -29.78
N GLN A 619 7.97 13.30 -29.72
CA GLN A 619 6.64 13.71 -29.28
C GLN A 619 6.46 13.68 -27.76
N MET A 620 7.48 13.24 -27.04
CA MET A 620 7.37 13.09 -25.59
C MET A 620 7.78 14.35 -24.86
N VAL A 621 6.99 14.75 -23.86
CA VAL A 621 7.36 15.89 -23.05
C VAL A 621 7.68 15.47 -21.61
N GLN A 622 8.71 16.08 -21.04
CA GLN A 622 9.11 15.82 -19.66
C GLN A 622 8.03 16.28 -18.67
N ALA A 623 7.98 15.67 -17.50
CA ALA A 623 7.09 16.13 -16.43
C ALA A 623 7.47 17.55 -16.03
N PRO A 624 6.50 18.33 -15.54
CA PRO A 624 6.86 19.70 -15.17
C PRO A 624 7.88 19.74 -14.03
N GLY A 625 8.88 20.61 -14.16
CA GLY A 625 9.89 20.79 -13.14
C GLY A 625 11.11 19.89 -13.27
N TYR A 626 11.06 18.96 -14.22
CA TYR A 626 12.16 18.03 -14.43
C TYR A 626 12.82 18.22 -15.78
K K B . -8.79 -16.78 -5.62
K K C . -4.84 6.64 27.32
CA CA D . 1.35 -16.37 7.46
CS CS E . -9.08 24.97 -11.09
CS CS F . 11.19 15.42 -26.91
CS CS G . -8.58 14.14 23.66
C1 GAL H . 21.69 -4.07 4.54
C2 GAL H . 22.31 -4.24 5.94
C3 GAL H . 21.28 -4.00 7.07
C4 GAL H . 20.53 -2.67 6.83
C5 GAL H . 20.01 -2.65 5.39
C6 GAL H . 19.30 -1.37 4.96
O1 GAL H . 22.66 -4.14 3.51
O2 GAL H . 22.79 -5.56 6.11
O3 GAL H . 21.92 -3.91 8.34
O4 GAL H . 21.35 -1.55 7.06
O5 GAL H . 21.06 -2.80 4.46
O6 GAL H . 18.85 -1.45 3.63
C1 EDO I . 19.07 -13.76 11.74
O1 EDO I . 19.05 -14.84 12.68
C2 EDO I . 19.41 -12.46 12.45
O2 EDO I . 20.76 -12.49 12.89
C1 EDO J . -4.52 -29.00 -28.05
O1 EDO J . -4.58 -29.20 -26.64
C2 EDO J . -5.04 -27.61 -28.37
O2 EDO J . -6.33 -27.45 -27.78
H11 EDO J . -3.49 -29.10 -28.40
H12 EDO J . -5.13 -29.75 -28.56
HO1 EDO J . -4.25 -30.08 -26.42
H21 EDO J . -4.35 -26.86 -27.97
H22 EDO J . -5.11 -27.47 -29.45
HO2 EDO J . -6.66 -26.57 -27.97
C1 EDO K . -17.90 6.78 17.39
O1 EDO K . -18.72 6.00 18.26
C2 EDO K . -17.10 5.86 16.49
O2 EDO K . -18.01 5.00 15.81
#